data_3WWX
#
_entry.id   3WWX
#
_cell.length_a   59.290
_cell.length_b   74.681
_cell.length_c   76.447
_cell.angle_alpha   90.00
_cell.angle_beta   90.00
_cell.angle_gamma   90.00
#
_symmetry.space_group_name_H-M   'P 21 21 21'
#
loop_
_entity.id
_entity.type
_entity.pdbx_description
1 polymer 'S12 family peptidase'
2 non-polymer 'OCTANE 1,8-DIAMINE'
3 water water
#
_entity_poly.entity_id   1
_entity_poly.type   'polypeptide(L)'
_entity_poly.pdbx_seq_one_letter_code
;APAKPDHAATQQALEAAVADGVPGAVAQARDGRDRWTGTAGERGGDDRYRVGSITKTFTATVLLQLQAEGRIDLDDPVEK
WLPGVVRGNGHDGRKITVRQLLNHTSGIYSYTEDPAFQAKVFGPGFLEHRYDTWTPKQLVAVAMAHEPDFTPGASWNYSN
TNFVLAGMVIEKVTGRPYGKAVENRIIKPLKLRATTVPGTRSAMPEPSSPAYSKLSRDVNAPVHDVSTLNPSIAGAAGEM
ISDSRDLQTFYRALLQGRLLPKSALNEMTTTVQISPEYPNVGYGLGLMKDKLSCGVEVWGHGGGIHGSSSLAQVTRDGGH
SLAGNFNADWAGDSQKVIEAEFCGTAPKK
;
_entity_poly.pdbx_strand_id   A
#
# COMPACT_ATOMS: atom_id res chain seq x y z
N PRO A 5 -16.44 17.30 -18.44
CA PRO A 5 -15.17 16.59 -18.30
C PRO A 5 -15.30 15.13 -18.74
N ASP A 6 -16.08 14.27 -18.04
CA ASP A 6 -16.65 12.97 -18.52
C ASP A 6 -16.35 11.60 -17.79
N HIS A 7 -16.77 11.40 -16.56
CA HIS A 7 -16.33 10.16 -15.91
C HIS A 7 -17.48 9.18 -15.63
N ALA A 8 -18.42 9.11 -16.56
CA ALA A 8 -19.67 8.38 -16.30
C ALA A 8 -19.49 6.89 -16.03
N ALA A 9 -18.58 6.22 -16.73
CA ALA A 9 -18.34 4.81 -16.51
C ALA A 9 -17.80 4.60 -15.10
N THR A 10 -16.96 5.51 -14.65
CA THR A 10 -16.37 5.36 -13.33
C THR A 10 -17.43 5.54 -12.25
N GLN A 11 -18.31 6.51 -12.43
CA GLN A 11 -19.47 6.69 -11.55
C GLN A 11 -20.30 5.41 -11.49
N GLN A 12 -20.57 4.81 -12.64
CA GLN A 12 -21.30 3.57 -12.72
C GLN A 12 -20.62 2.47 -11.91
N ALA A 13 -19.28 2.43 -11.97
CA ALA A 13 -18.51 1.40 -11.28
C ALA A 13 -18.57 1.59 -9.75
N LEU A 14 -18.64 2.83 -9.31
CA LEU A 14 -18.87 3.10 -7.89
C LEU A 14 -20.24 2.60 -7.47
N GLU A 15 -21.25 2.88 -8.31
CA GLU A 15 -22.59 2.39 -8.03
C GLU A 15 -22.65 0.86 -7.98
N ALA A 16 -21.91 0.19 -8.86
CA ALA A 16 -21.85 -1.26 -8.81
C ALA A 16 -21.25 -1.80 -7.50
N ALA A 17 -20.23 -1.13 -7.01
CA ALA A 17 -19.63 -1.52 -5.74
C ALA A 17 -20.64 -1.43 -4.61
N VAL A 18 -21.39 -0.34 -4.59
CA VAL A 18 -22.41 -0.14 -3.58
C VAL A 18 -23.51 -1.20 -3.71
N ALA A 19 -23.92 -1.49 -4.95
CA ALA A 19 -24.88 -2.59 -5.16
C ALA A 19 -24.36 -3.95 -4.65
N ASP A 20 -23.04 -4.14 -4.64
CA ASP A 20 -22.41 -5.37 -4.21
C ASP A 20 -22.27 -5.46 -2.69
N GLY A 21 -22.61 -4.36 -2.01
CA GLY A 21 -22.58 -4.32 -0.55
C GLY A 21 -21.68 -3.27 0.09
N VAL A 22 -20.92 -2.52 -0.71
CA VAL A 22 -20.13 -1.43 -0.13
C VAL A 22 -21.04 -0.32 0.40
N PRO A 23 -20.95 0.03 1.69
CA PRO A 23 -21.82 1.12 2.16
C PRO A 23 -21.57 2.48 1.50
N GLY A 24 -20.32 2.81 1.24
CA GLY A 24 -19.99 4.06 0.61
C GLY A 24 -18.70 3.96 -0.19
N ALA A 25 -18.76 4.38 -1.45
CA ALA A 25 -17.64 4.32 -2.38
C ALA A 25 -17.30 5.73 -2.83
N VAL A 26 -16.00 6.02 -2.94
CA VAL A 26 -15.54 7.31 -3.44
C VAL A 26 -14.37 7.10 -4.40
N ALA A 27 -14.30 7.95 -5.43
CA ALA A 27 -13.12 7.99 -6.30
C ALA A 27 -12.96 9.39 -6.82
N GLN A 28 -11.71 9.72 -7.14
CA GLN A 28 -11.40 10.92 -7.90
C GLN A 28 -10.49 10.51 -9.03
N ALA A 29 -10.52 11.30 -10.12
CA ALA A 29 -9.71 11.00 -11.29
C ALA A 29 -9.34 12.29 -11.98
N ARG A 30 -8.28 12.24 -12.76
CA ARG A 30 -7.85 13.40 -13.52
C ARG A 30 -7.20 12.87 -14.78
N ASP A 31 -7.92 13.05 -15.89
CA ASP A 31 -7.50 12.54 -17.20
C ASP A 31 -6.91 13.71 -17.98
N GLY A 32 -5.58 13.81 -17.96
CA GLY A 32 -4.87 14.93 -18.55
C GLY A 32 -4.92 16.10 -17.56
N ARG A 33 -6.09 16.73 -17.46
CA ARG A 33 -6.38 17.83 -16.53
C ARG A 33 -7.83 17.70 -16.10
N ASP A 34 -8.22 18.51 -15.12
CA ASP A 34 -9.63 18.65 -14.70
C ASP A 34 -10.10 17.49 -13.82
N ARG A 35 -9.86 17.65 -12.52
CA ARG A 35 -10.14 16.60 -11.54
C ARG A 35 -11.63 16.38 -11.31
N TRP A 36 -12.07 15.13 -11.44
CA TRP A 36 -13.43 14.67 -11.23
C TRP A 36 -13.54 13.97 -9.87
N THR A 37 -14.68 14.14 -9.20
CA THR A 37 -14.95 13.49 -7.92
C THR A 37 -16.30 12.79 -8.01
N GLY A 38 -16.33 11.55 -7.58
CA GLY A 38 -17.54 10.76 -7.58
C GLY A 38 -17.75 10.00 -6.29
N THR A 39 -19.02 9.85 -5.91
CA THR A 39 -19.41 9.06 -4.75
C THR A 39 -20.63 8.23 -5.07
N ALA A 40 -20.78 7.12 -4.37
CA ALA A 40 -22.01 6.34 -4.38
C ALA A 40 -22.26 5.82 -2.96
N GLY A 41 -23.53 5.55 -2.65
CA GLY A 41 -23.89 5.16 -1.30
C GLY A 41 -23.72 6.32 -0.34
N GLU A 42 -23.32 6.00 0.88
CA GLU A 42 -23.11 6.98 1.92
C GLU A 42 -21.63 7.32 2.03
N ARG A 43 -21.24 8.40 1.39
CA ARG A 43 -19.83 8.73 1.25
C ARG A 43 -19.64 10.15 0.79
N GLY A 44 -18.57 10.78 1.25
CA GLY A 44 -18.19 12.12 0.82
C GLY A 44 -16.98 12.09 -0.12
N GLY A 45 -16.95 12.99 -1.09
CA GLY A 45 -15.93 12.93 -2.13
C GLY A 45 -14.53 13.22 -1.61
N ASP A 46 -14.43 13.97 -0.52
CA ASP A 46 -13.16 14.30 0.11
C ASP A 46 -12.84 13.42 1.32
N ASP A 47 -13.57 12.31 1.46
CA ASP A 47 -13.33 11.42 2.60
C ASP A 47 -11.89 10.94 2.66
N ARG A 48 -11.37 10.94 3.88
CA ARG A 48 -10.05 10.42 4.16
C ARG A 48 -10.21 8.98 4.62
N TYR A 49 -9.24 8.15 4.29
CA TYR A 49 -9.33 6.72 4.56
C TYR A 49 -7.95 6.13 4.76
N ARG A 50 -7.92 4.98 5.43
CA ARG A 50 -6.72 4.21 5.63
C ARG A 50 -6.32 3.60 4.30
N VAL A 51 -5.19 4.02 3.74
CA VAL A 51 -4.80 3.57 2.40
C VAL A 51 -4.13 2.19 2.40
N GLY A 52 -3.96 1.61 3.58
CA GLY A 52 -3.33 0.31 3.67
C GLY A 52 -2.02 0.22 2.90
N SER A 53 -1.90 -0.86 2.14
CA SER A 53 -0.70 -1.27 1.42
C SER A 53 -0.12 -0.21 0.46
N ILE A 54 -0.93 0.77 0.06
CA ILE A 54 -0.43 1.90 -0.71
C ILE A 54 0.75 2.59 0.00
N THR A 55 0.78 2.50 1.33
CA THR A 55 1.89 3.01 2.11
C THR A 55 3.21 2.51 1.58
N LYS A 56 3.24 1.28 1.09
CA LYS A 56 4.47 0.69 0.58
C LYS A 56 5.13 1.55 -0.49
N THR A 57 4.36 2.22 -1.34
CA THR A 57 4.98 3.03 -2.37
C THR A 57 5.74 4.21 -1.74
N PHE A 58 5.20 4.77 -0.67
CA PHE A 58 5.89 5.84 0.05
C PHE A 58 7.19 5.33 0.66
N THR A 59 7.13 4.18 1.32
CA THR A 59 8.31 3.57 1.91
C THR A 59 9.41 3.32 0.87
N ALA A 60 9.02 2.73 -0.27
CA ALA A 60 9.99 2.47 -1.35
C ALA A 60 10.58 3.75 -1.90
N THR A 61 9.76 4.77 -2.06
CA THR A 61 10.24 6.05 -2.59
C THR A 61 11.34 6.63 -1.70
N VAL A 62 11.15 6.57 -0.39
CA VAL A 62 12.17 7.08 0.52
C VAL A 62 13.48 6.33 0.34
N LEU A 63 13.43 4.99 0.27
CA LEU A 63 14.66 4.23 0.13
C LEU A 63 15.33 4.51 -1.19
N LEU A 64 14.55 4.73 -2.25
CA LEU A 64 15.15 5.09 -3.53
C LEU A 64 15.80 6.48 -3.50
N GLN A 65 15.20 7.41 -2.79
CA GLN A 65 15.87 8.70 -2.58
C GLN A 65 17.16 8.53 -1.80
N LEU A 66 17.14 7.73 -0.75
CA LEU A 66 18.36 7.55 0.05
C LEU A 66 19.47 6.93 -0.79
N GLN A 67 19.11 6.01 -1.68
CA GLN A 67 20.09 5.42 -2.57
C GLN A 67 20.64 6.48 -3.53
N ALA A 68 19.77 7.33 -4.06
CA ALA A 68 20.15 8.40 -4.97
C ALA A 68 21.09 9.40 -4.28
N GLU A 69 20.99 9.50 -2.95
CA GLU A 69 21.84 10.40 -2.17
C GLU A 69 23.15 9.71 -1.79
N GLY A 70 23.34 8.47 -2.25
CA GLY A 70 24.54 7.70 -1.99
C GLY A 70 24.66 7.19 -0.57
N ARG A 71 23.52 7.03 0.11
CA ARG A 71 23.52 6.66 1.53
C ARG A 71 23.28 5.16 1.77
N ILE A 72 22.85 4.49 0.73
CA ILE A 72 22.61 3.06 0.77
C ILE A 72 22.60 2.51 -0.65
N ASP A 73 23.03 1.26 -0.81
CA ASP A 73 22.90 0.53 -2.06
C ASP A 73 21.81 -0.49 -1.83
N LEU A 74 20.74 -0.45 -2.60
CA LEU A 74 19.65 -1.42 -2.38
C LEU A 74 20.05 -2.86 -2.62
N ASP A 75 21.20 -3.10 -3.27
CA ASP A 75 21.68 -4.45 -3.41
C ASP A 75 22.54 -4.88 -2.22
N ASP A 76 22.68 -4.02 -1.22
CA ASP A 76 23.27 -4.39 0.06
C ASP A 76 22.48 -5.53 0.71
N PRO A 77 23.16 -6.47 1.38
CA PRO A 77 22.41 -7.42 2.21
C PRO A 77 21.67 -6.74 3.35
N VAL A 78 20.51 -7.26 3.68
CA VAL A 78 19.74 -6.72 4.78
C VAL A 78 20.57 -6.75 6.08
N GLU A 79 21.40 -7.79 6.22
CA GLU A 79 22.25 -7.95 7.40
C GLU A 79 23.17 -6.75 7.65
N LYS A 80 23.61 -6.11 6.57
CA LYS A 80 24.46 -4.92 6.69
C LYS A 80 23.79 -3.83 7.52
N TRP A 81 22.49 -3.65 7.28
CA TRP A 81 21.74 -2.58 7.90
C TRP A 81 21.01 -3.00 9.16
N LEU A 82 20.60 -4.27 9.22
CA LEU A 82 19.86 -4.81 10.37
C LEU A 82 20.53 -6.08 10.89
N PRO A 83 21.73 -5.94 11.46
CA PRO A 83 22.47 -7.14 11.87
C PRO A 83 21.72 -8.01 12.88
N GLY A 84 21.67 -9.31 12.58
CA GLY A 84 21.03 -10.29 13.45
C GLY A 84 19.51 -10.30 13.43
N VAL A 85 18.88 -9.42 12.67
CA VAL A 85 17.42 -9.25 12.75
C VAL A 85 16.69 -10.32 11.95
N VAL A 86 17.20 -10.65 10.77
CA VAL A 86 16.56 -11.63 9.90
C VAL A 86 17.37 -12.92 9.96
N ARG A 87 17.07 -13.82 10.93
CA ARG A 87 17.86 -15.04 11.15
C ARG A 87 17.06 -16.31 11.51
N GLY A 88 15.76 -16.20 11.60
CA GLY A 88 14.99 -17.26 12.23
C GLY A 88 14.55 -18.38 11.32
N ASN A 89 14.74 -19.62 11.77
CA ASN A 89 14.21 -20.82 11.13
C ASN A 89 14.44 -20.86 9.62
N GLY A 90 15.65 -20.49 9.19
CA GLY A 90 16.02 -20.52 7.78
C GLY A 90 16.09 -19.15 7.13
N HIS A 91 15.42 -18.16 7.72
CA HIS A 91 15.57 -16.80 7.22
C HIS A 91 17.01 -16.34 7.40
N ASP A 92 17.55 -15.65 6.40
CA ASP A 92 18.94 -15.23 6.48
C ASP A 92 19.18 -13.91 5.76
N GLY A 93 19.23 -12.84 6.55
CA GLY A 93 19.46 -11.52 6.01
C GLY A 93 20.81 -11.35 5.35
N ARG A 94 21.72 -12.30 5.54
CA ARG A 94 23.01 -12.25 4.83
C ARG A 94 22.83 -12.54 3.35
N LYS A 95 21.71 -13.18 3.00
CA LYS A 95 21.48 -13.68 1.65
C LYS A 95 20.32 -12.96 0.95
N ILE A 96 19.79 -11.96 1.62
CA ILE A 96 18.62 -11.21 1.13
C ILE A 96 19.02 -9.76 1.01
N THR A 97 18.70 -9.11 -0.11
CA THR A 97 19.04 -7.70 -0.30
C THR A 97 17.85 -6.79 -0.02
N VAL A 98 18.13 -5.52 0.19
CA VAL A 98 17.07 -4.55 0.46
C VAL A 98 16.14 -4.50 -0.76
N ARG A 99 16.69 -4.60 -1.97
CA ARG A 99 15.86 -4.63 -3.19
C ARG A 99 14.85 -5.76 -3.16
N GLN A 100 15.28 -6.93 -2.69
CA GLN A 100 14.41 -8.09 -2.63
C GLN A 100 13.28 -7.92 -1.60
N LEU A 101 13.50 -7.12 -0.56
CA LEU A 101 12.39 -6.72 0.31
C LEU A 101 11.38 -5.95 -0.50
N LEU A 102 11.85 -4.99 -1.29
CA LEU A 102 10.94 -4.03 -1.92
C LEU A 102 10.12 -4.59 -3.06
N ASN A 103 10.59 -5.67 -3.70
CA ASN A 103 9.83 -6.32 -4.76
C ASN A 103 9.26 -7.69 -4.39
N HIS A 104 9.35 -8.02 -3.09
CA HIS A 104 8.76 -9.26 -2.54
C HIS A 104 9.36 -10.53 -3.15
N THR A 105 10.64 -10.49 -3.48
CA THR A 105 11.34 -11.71 -3.89
C THR A 105 12.28 -12.22 -2.80
N SER A 106 12.19 -11.63 -1.60
CA SER A 106 12.99 -12.09 -0.46
C SER A 106 12.63 -13.49 0.03
N GLY A 107 11.36 -13.86 -0.05
CA GLY A 107 10.88 -15.11 0.51
C GLY A 107 10.54 -15.02 1.99
N ILE A 108 10.63 -13.84 2.58
CA ILE A 108 10.43 -13.71 4.03
C ILE A 108 8.95 -13.90 4.40
N TYR A 109 8.71 -14.76 5.38
CA TYR A 109 7.40 -15.04 5.90
C TYR A 109 6.68 -13.74 6.26
N SER A 110 5.44 -13.65 5.80
CA SER A 110 4.60 -12.49 6.06
C SER A 110 3.91 -12.59 7.43
N TYR A 111 4.25 -11.67 8.34
CA TYR A 111 3.80 -11.80 9.73
C TYR A 111 2.28 -11.78 9.85
N THR A 112 1.61 -11.17 8.87
CA THR A 112 0.17 -11.07 8.94
C THR A 112 -0.53 -12.42 8.73
N GLU A 113 0.24 -13.40 8.27
CA GLU A 113 -0.26 -14.77 8.10
C GLU A 113 -0.01 -15.67 9.30
N ASP A 114 0.71 -15.18 10.30
CA ASP A 114 0.96 -16.00 11.48
C ASP A 114 -0.39 -16.29 12.16
N PRO A 115 -0.65 -17.56 12.53
CA PRO A 115 -1.97 -17.87 13.08
C PRO A 115 -2.34 -17.09 14.34
N ALA A 116 -1.41 -16.92 15.27
CA ALA A 116 -1.72 -16.15 16.49
C ALA A 116 -1.95 -14.68 16.16
N PHE A 117 -1.16 -14.13 15.26
CA PHE A 117 -1.39 -12.74 14.84
C PHE A 117 -2.77 -12.59 14.24
N GLN A 118 -3.15 -13.54 13.40
CA GLN A 118 -4.46 -13.47 12.77
C GLN A 118 -5.58 -13.54 13.80
N ALA A 119 -5.41 -14.37 14.80
CA ALA A 119 -6.44 -14.48 15.84
C ALA A 119 -6.62 -13.19 16.60
N LYS A 120 -5.55 -12.43 16.78
CA LYS A 120 -5.62 -11.18 17.53
C LYS A 120 -6.10 -10.02 16.66
N VAL A 121 -5.76 -10.03 15.37
CA VAL A 121 -5.89 -8.84 14.54
C VAL A 121 -6.95 -8.94 13.45
N PHE A 122 -7.13 -10.11 12.86
CA PHE A 122 -8.02 -10.23 11.70
C PHE A 122 -9.37 -10.84 11.97
N GLY A 123 -9.49 -11.56 13.06
CA GLY A 123 -10.76 -12.16 13.44
C GLY A 123 -11.44 -11.37 14.53
N PRO A 124 -12.44 -11.98 15.19
CA PRO A 124 -13.15 -11.28 16.27
C PRO A 124 -12.25 -10.79 17.42
N GLY A 125 -11.06 -11.40 17.59
CA GLY A 125 -10.09 -10.92 18.56
C GLY A 125 -9.68 -9.48 18.35
N PHE A 126 -9.88 -8.98 17.13
CA PHE A 126 -9.66 -7.56 16.84
C PHE A 126 -10.39 -6.66 17.83
N LEU A 127 -11.57 -7.08 18.26
CA LEU A 127 -12.34 -6.23 19.15
C LEU A 127 -11.63 -6.05 20.48
N GLU A 128 -10.82 -7.04 20.89
CA GLU A 128 -9.99 -6.93 22.09
C GLU A 128 -8.64 -6.22 21.83
N HIS A 129 -8.02 -6.51 20.67
CA HIS A 129 -6.63 -6.12 20.44
C HIS A 129 -6.42 -4.93 19.51
N ARG A 130 -7.50 -4.35 19.02
CA ARG A 130 -7.41 -3.31 17.99
C ARG A 130 -6.54 -2.13 18.33
N TYR A 131 -6.37 -1.81 19.62
CA TYR A 131 -5.60 -0.65 20.01
C TYR A 131 -4.19 -0.99 20.53
N ASP A 132 -3.83 -2.27 20.47
CA ASP A 132 -2.50 -2.71 20.93
C ASP A 132 -1.40 -2.13 20.04
N THR A 133 -0.29 -1.77 20.68
CA THR A 133 0.87 -1.26 19.98
C THR A 133 1.82 -2.38 19.62
N TRP A 134 2.18 -2.43 18.35
CA TRP A 134 3.13 -3.39 17.82
C TRP A 134 4.34 -2.65 17.35
N THR A 135 5.50 -2.95 17.95
CA THR A 135 6.74 -2.39 17.43
C THR A 135 7.15 -3.09 16.16
N PRO A 136 7.90 -2.41 15.29
CA PRO A 136 8.40 -3.09 14.11
C PRO A 136 9.18 -4.36 14.48
N LYS A 137 10.01 -4.32 15.50
CA LYS A 137 10.76 -5.52 15.86
C LYS A 137 9.83 -6.63 16.35
N GLN A 138 8.73 -6.28 16.99
CA GLN A 138 7.76 -7.31 17.38
C GLN A 138 7.12 -7.98 16.17
N LEU A 139 6.76 -7.20 15.16
CA LEU A 139 6.20 -7.77 13.94
C LEU A 139 7.20 -8.70 13.26
N VAL A 140 8.45 -8.29 13.15
CA VAL A 140 9.47 -9.13 12.54
C VAL A 140 9.65 -10.40 13.38
N ALA A 141 9.64 -10.27 14.70
CA ALA A 141 9.77 -11.46 15.57
C ALA A 141 8.70 -12.49 15.26
N VAL A 142 7.47 -12.05 15.04
CA VAL A 142 6.38 -12.95 14.72
C VAL A 142 6.75 -13.80 13.50
N ALA A 143 7.28 -13.16 12.46
CA ALA A 143 7.68 -13.86 11.26
C ALA A 143 8.85 -14.80 11.44
N MET A 144 9.77 -14.45 12.34
CA MET A 144 11.03 -15.19 12.48
C MET A 144 10.89 -16.50 13.25
N ALA A 145 9.70 -16.83 13.72
CA ALA A 145 9.43 -18.16 14.24
C ALA A 145 9.37 -19.19 13.11
N HIS A 146 9.17 -18.70 11.89
CA HIS A 146 8.75 -19.55 10.80
C HIS A 146 9.80 -19.68 9.72
N GLU A 147 9.64 -20.71 8.89
CA GLU A 147 10.51 -20.90 7.73
C GLU A 147 10.15 -19.91 6.64
N PRO A 148 11.12 -19.49 5.84
CA PRO A 148 10.79 -18.68 4.66
C PRO A 148 9.85 -19.40 3.71
N ASP A 149 9.17 -18.63 2.86
CA ASP A 149 8.39 -19.22 1.78
C ASP A 149 9.25 -19.85 0.68
N PHE A 150 10.41 -19.27 0.44
CA PHE A 150 11.32 -19.75 -0.60
C PHE A 150 12.69 -19.13 -0.41
N THR A 151 13.68 -19.68 -1.12
CA THR A 151 15.03 -19.18 -1.08
C THR A 151 15.08 -17.81 -1.75
N PRO A 152 15.87 -16.89 -1.20
CA PRO A 152 15.85 -15.53 -1.75
C PRO A 152 16.06 -15.48 -3.25
N GLY A 153 15.21 -14.74 -3.94
CA GLY A 153 15.31 -14.55 -5.38
C GLY A 153 14.61 -15.60 -6.21
N ALA A 154 14.17 -16.69 -5.59
CA ALA A 154 13.68 -17.85 -6.34
C ALA A 154 12.24 -17.75 -6.81
N SER A 155 11.46 -16.83 -6.22
CA SER A 155 10.05 -16.73 -6.55
C SER A 155 9.58 -15.36 -6.12
N TRP A 156 8.26 -15.23 -6.00
CA TRP A 156 7.62 -13.98 -5.58
C TRP A 156 6.48 -14.34 -4.63
N ASN A 157 6.40 -13.60 -3.53
CA ASN A 157 5.25 -13.71 -2.66
C ASN A 157 5.12 -12.42 -1.87
N TYR A 158 3.93 -11.84 -1.89
CA TYR A 158 3.69 -10.60 -1.19
C TYR A 158 3.80 -10.82 0.30
N SER A 159 4.68 -10.05 0.95
CA SER A 159 4.91 -10.19 2.38
C SER A 159 5.03 -8.86 3.08
N ASN A 160 4.18 -8.66 4.07
CA ASN A 160 4.17 -7.39 4.79
C ASN A 160 5.43 -7.21 5.60
N THR A 161 6.08 -8.31 6.00
CA THR A 161 7.32 -8.23 6.76
C THR A 161 8.38 -7.50 5.95
N ASN A 162 8.33 -7.65 4.64
CA ASN A 162 9.33 -7.00 3.80
C ASN A 162 9.34 -5.52 3.99
N PHE A 163 8.17 -4.90 4.14
CA PHE A 163 8.12 -3.44 4.26
C PHE A 163 8.25 -2.95 5.69
N VAL A 164 7.93 -3.77 6.68
CA VAL A 164 8.33 -3.44 8.05
C VAL A 164 9.88 -3.39 8.15
N LEU A 165 10.55 -4.39 7.59
CA LEU A 165 12.02 -4.38 7.51
C LEU A 165 12.51 -3.16 6.74
N ALA A 166 11.88 -2.83 5.61
CA ALA A 166 12.31 -1.67 4.83
C ALA A 166 12.23 -0.40 5.67
N GLY A 167 11.17 -0.24 6.47
CA GLY A 167 11.07 0.89 7.39
C GLY A 167 12.21 0.89 8.40
N MET A 168 12.57 -0.27 8.91
CA MET A 168 13.68 -0.35 9.85
C MET A 168 14.99 0.07 9.18
N VAL A 169 15.17 -0.24 7.91
CA VAL A 169 16.38 0.15 7.19
C VAL A 169 16.41 1.68 7.07
N ILE A 170 15.26 2.28 6.77
CA ILE A 170 15.16 3.74 6.66
C ILE A 170 15.59 4.36 7.98
N GLU A 171 15.11 3.81 9.08
CA GLU A 171 15.45 4.34 10.39
C GLU A 171 16.97 4.23 10.63
N LYS A 172 17.60 3.13 10.21
CA LYS A 172 19.04 2.95 10.43
C LYS A 172 19.83 3.94 9.59
N VAL A 173 19.43 4.13 8.32
CA VAL A 173 20.11 5.07 7.44
C VAL A 173 20.00 6.52 7.93
N THR A 174 18.79 6.91 8.34
CA THR A 174 18.49 8.31 8.65
C THR A 174 18.67 8.68 10.11
N GLY A 175 18.68 7.70 11.01
CA GLY A 175 18.70 7.95 12.45
C GLY A 175 17.40 8.49 13.03
N ARG A 176 16.31 8.45 12.26
CA ARG A 176 15.02 8.90 12.74
C ARG A 176 13.93 7.91 12.30
N PRO A 177 12.77 7.90 12.98
CA PRO A 177 11.70 7.00 12.54
C PRO A 177 11.32 7.23 11.09
N TYR A 178 10.93 6.15 10.40
CA TYR A 178 10.74 6.22 8.95
C TYR A 178 9.64 7.23 8.57
N GLY A 179 8.65 7.41 9.44
CA GLY A 179 7.55 8.33 9.16
C GLY A 179 8.04 9.75 8.97
N LYS A 180 9.08 10.12 9.68
CA LYS A 180 9.62 11.48 9.54
C LYS A 180 10.20 11.66 8.14
N ALA A 181 10.76 10.60 7.56
CA ALA A 181 11.30 10.67 6.20
C ALA A 181 10.16 10.82 5.18
N VAL A 182 9.07 10.07 5.38
CA VAL A 182 7.91 10.20 4.52
C VAL A 182 7.35 11.62 4.59
N GLU A 183 7.25 12.16 5.80
CA GLU A 183 6.73 13.51 5.99
C GLU A 183 7.60 14.54 5.30
N ASN A 184 8.90 14.48 5.53
CA ASN A 184 9.79 15.53 5.06
C ASN A 184 10.16 15.44 3.60
N ARG A 185 10.18 14.22 3.05
CA ARG A 185 10.57 14.01 1.68
C ARG A 185 9.40 13.95 0.70
N ILE A 186 8.21 13.66 1.20
CA ILE A 186 7.07 13.46 0.31
C ILE A 186 5.86 14.32 0.68
N ILE A 187 5.32 14.14 1.89
CA ILE A 187 4.11 14.84 2.29
C ILE A 187 4.30 16.36 2.22
N LYS A 188 5.37 16.86 2.79
CA LYS A 188 5.56 18.32 2.83
C LYS A 188 5.87 18.91 1.44
N PRO A 189 6.85 18.36 0.72
CA PRO A 189 7.19 18.96 -0.58
C PRO A 189 6.04 18.94 -1.60
N LEU A 190 5.17 17.93 -1.51
CA LEU A 190 4.03 17.83 -2.41
C LEU A 190 2.77 18.48 -1.85
N LYS A 191 2.87 19.04 -0.64
CA LYS A 191 1.75 19.73 -0.01
C LYS A 191 0.55 18.80 0.13
N LEU A 192 0.79 17.58 0.61
CA LEU A 192 -0.28 16.58 0.79
C LEU A 192 -0.99 16.79 2.13
N ARG A 193 -1.88 17.77 2.13
CA ARG A 193 -2.49 18.26 3.35
C ARG A 193 -3.51 17.31 3.99
N ALA A 194 -3.90 16.26 3.27
CA ALA A 194 -4.85 15.28 3.80
C ALA A 194 -4.16 13.95 4.11
N THR A 195 -2.84 13.94 4.10
CA THR A 195 -2.05 12.71 4.20
C THR A 195 -1.23 12.67 5.48
N THR A 196 -1.37 11.59 6.24
CA THR A 196 -0.71 11.46 7.52
C THR A 196 -0.14 10.07 7.75
N VAL A 197 0.85 10.01 8.63
CA VAL A 197 1.49 8.79 9.10
C VAL A 197 1.13 8.74 10.59
N PRO A 198 0.03 8.06 10.93
CA PRO A 198 -0.53 8.20 12.28
C PRO A 198 0.26 7.53 13.42
N GLY A 199 1.12 6.58 13.10
CA GLY A 199 1.91 5.93 14.16
C GLY A 199 1.05 4.98 14.95
N THR A 200 0.83 5.29 16.22
CA THR A 200 -0.09 4.48 17.03
C THR A 200 -1.46 5.15 17.22
N ARG A 201 -1.64 6.32 16.63
CA ARG A 201 -2.90 7.04 16.79
C ARG A 201 -4.05 6.34 16.09
N SER A 202 -5.18 6.20 16.78
CA SER A 202 -6.29 5.41 16.28
C SER A 202 -7.44 6.19 15.64
N ALA A 203 -7.48 7.50 15.86
CA ALA A 203 -8.60 8.30 15.39
C ALA A 203 -8.53 8.55 13.89
N MET A 204 -9.68 8.81 13.30
CA MET A 204 -9.78 9.20 11.88
C MET A 204 -9.99 10.70 11.76
N PRO A 205 -9.29 11.35 10.83
CA PRO A 205 -9.53 12.77 10.55
C PRO A 205 -10.82 12.98 9.80
N GLU A 206 -11.28 14.22 9.77
CA GLU A 206 -12.40 14.62 8.94
C GLU A 206 -11.90 15.15 7.62
N PRO A 207 -12.75 15.06 6.58
CA PRO A 207 -13.98 14.28 6.55
C PRO A 207 -13.68 12.79 6.43
N SER A 208 -14.55 11.96 7.00
CA SER A 208 -14.44 10.54 6.80
C SER A 208 -15.79 9.91 7.04
N SER A 209 -16.04 8.78 6.38
CA SER A 209 -17.15 7.94 6.68
C SER A 209 -16.65 6.77 7.52
N PRO A 210 -17.57 6.00 8.11
CA PRO A 210 -17.13 4.83 8.87
C PRO A 210 -16.47 3.79 7.98
N ALA A 211 -15.74 2.86 8.60
CA ALA A 211 -15.14 1.73 7.90
C ALA A 211 -15.71 0.46 8.49
N TYR A 212 -16.07 -0.50 7.63
CA TYR A 212 -16.79 -1.68 8.05
C TYR A 212 -16.09 -2.97 7.66
N SER A 213 -16.13 -3.97 8.54
CA SER A 213 -15.54 -5.28 8.31
C SER A 213 -16.35 -6.38 8.93
N LYS A 214 -16.26 -7.57 8.36
CA LYS A 214 -16.80 -8.76 9.00
C LYS A 214 -15.78 -9.55 9.83
N LEU A 215 -14.52 -9.19 9.79
CA LEU A 215 -13.51 -9.86 10.62
C LEU A 215 -13.61 -11.39 10.41
N SER A 216 -13.90 -11.79 9.18
CA SER A 216 -14.33 -13.17 8.92
C SER A 216 -14.75 -13.33 7.47
N ARG A 217 -15.03 -14.59 7.10
CA ARG A 217 -15.46 -14.94 5.75
C ARG A 217 -16.78 -15.72 5.81
N ASN A 220 -22.91 -14.12 6.31
CA ASN A 220 -23.49 -14.59 7.56
C ASN A 220 -22.98 -13.80 8.78
N ALA A 221 -21.69 -13.49 8.76
CA ALA A 221 -21.06 -12.91 9.94
C ALA A 221 -21.49 -11.47 10.19
N PRO A 222 -21.45 -11.05 11.46
CA PRO A 222 -21.82 -9.68 11.74
C PRO A 222 -20.83 -8.68 11.20
N VAL A 223 -21.35 -7.48 10.94
CA VAL A 223 -20.56 -6.35 10.46
C VAL A 223 -20.15 -5.48 11.65
N HIS A 224 -18.90 -5.03 11.63
CA HIS A 224 -18.32 -4.24 12.70
C HIS A 224 -17.86 -2.91 12.16
N ASP A 225 -18.06 -1.87 12.95
CA ASP A 225 -17.43 -0.58 12.70
C ASP A 225 -16.00 -0.64 13.18
N VAL A 226 -15.08 -0.65 12.22
CA VAL A 226 -13.66 -0.80 12.48
C VAL A 226 -12.90 0.49 12.17
N SER A 227 -13.59 1.62 12.23
CA SER A 227 -12.97 2.89 11.88
C SER A 227 -11.71 3.16 12.67
N THR A 228 -11.76 2.91 13.98
CA THR A 228 -10.64 3.20 14.85
C THR A 228 -9.83 1.94 15.17
N LEU A 229 -8.52 2.07 15.04
CA LEU A 229 -7.57 0.99 15.31
C LEU A 229 -6.18 1.60 15.39
N ASN A 230 -5.28 0.91 16.09
CA ASN A 230 -3.88 1.28 16.19
C ASN A 230 -3.14 0.80 14.93
N PRO A 231 -2.68 1.74 14.08
CA PRO A 231 -2.14 1.34 12.78
C PRO A 231 -0.75 0.72 12.82
N SER A 232 -0.19 0.57 14.01
CA SER A 232 1.12 -0.09 14.12
C SER A 232 1.09 -1.56 13.70
N ILE A 233 -0.09 -2.16 13.57
CA ILE A 233 -0.18 -3.47 12.96
C ILE A 233 0.40 -3.50 11.54
N ALA A 234 0.43 -2.33 10.90
CA ALA A 234 0.90 -2.19 9.51
C ALA A 234 2.21 -1.40 9.40
N GLY A 235 2.33 -0.30 10.12
CA GLY A 235 3.50 0.54 10.02
C GLY A 235 3.87 0.86 8.58
N ALA A 236 5.15 0.69 8.26
CA ALA A 236 5.66 1.06 6.95
C ALA A 236 5.15 0.17 5.81
N ALA A 237 4.41 -0.88 6.17
CA ALA A 237 3.73 -1.71 5.18
C ALA A 237 2.30 -1.25 4.92
N GLY A 238 1.74 -0.38 5.75
CA GLY A 238 0.34 -0.02 5.54
C GLY A 238 -0.38 0.97 6.42
N GLU A 239 0.30 1.82 7.19
CA GLU A 239 -0.39 2.65 8.18
C GLU A 239 -1.01 3.96 7.69
N MET A 240 -0.66 4.43 6.49
CA MET A 240 -0.98 5.82 6.14
C MET A 240 -2.47 6.10 5.94
N ILE A 241 -2.84 7.36 6.13
CA ILE A 241 -4.18 7.86 5.86
C ILE A 241 -4.07 8.94 4.81
N SER A 242 -4.99 8.96 3.84
CA SER A 242 -4.96 9.97 2.80
C SER A 242 -6.37 10.18 2.25
N ASP A 243 -6.47 10.93 1.17
CA ASP A 243 -7.73 11.07 0.45
C ASP A 243 -7.47 10.82 -1.04
N SER A 244 -8.52 10.91 -1.84
CA SER A 244 -8.42 10.53 -3.25
C SER A 244 -7.74 11.59 -4.10
N ARG A 245 -7.60 12.80 -3.56
CA ARG A 245 -6.85 13.86 -4.24
C ARG A 245 -5.34 13.70 -4.01
N ASP A 246 -4.93 13.62 -2.75
CA ASP A 246 -3.52 13.52 -2.42
C ASP A 246 -2.90 12.27 -3.04
N LEU A 247 -3.65 11.16 -3.07
CA LEU A 247 -3.06 9.95 -3.63
C LEU A 247 -2.72 10.15 -5.11
N GLN A 248 -3.60 10.86 -5.82
CA GLN A 248 -3.29 11.18 -7.22
C GLN A 248 -2.09 12.11 -7.32
N THR A 249 -2.05 13.15 -6.49
CA THR A 249 -0.90 14.06 -6.51
C THR A 249 0.42 13.30 -6.36
N PHE A 250 0.42 12.37 -5.43
CA PHE A 250 1.61 11.57 -5.16
C PHE A 250 1.97 10.67 -6.34
N TYR A 251 1.05 9.84 -6.82
CA TYR A 251 1.40 8.91 -7.89
C TYR A 251 1.74 9.64 -9.21
N ARG A 252 1.05 10.75 -9.49
CA ARG A 252 1.40 11.54 -10.67
C ARG A 252 2.83 12.07 -10.54
N ALA A 253 3.15 12.70 -9.41
CA ALA A 253 4.51 13.21 -9.21
C ALA A 253 5.54 12.10 -9.29
N LEU A 254 5.22 10.96 -8.70
CA LEU A 254 6.15 9.84 -8.72
C LEU A 254 6.45 9.36 -10.14
N LEU A 255 5.43 9.04 -10.91
CA LEU A 255 5.66 8.51 -12.25
C LEU A 255 6.21 9.55 -13.22
N GLN A 256 5.98 10.82 -12.91
CA GLN A 256 6.56 11.92 -13.67
C GLN A 256 8.03 12.15 -13.36
N GLY A 257 8.57 11.49 -12.34
CA GLY A 257 9.96 11.64 -11.96
C GLY A 257 10.25 12.82 -11.06
N ARG A 258 9.24 13.39 -10.43
CA ARG A 258 9.47 14.57 -9.60
C ARG A 258 10.05 14.25 -8.23
N LEU A 259 10.04 12.98 -7.84
CA LEU A 259 10.54 12.57 -6.53
C LEU A 259 11.82 11.75 -6.61
N LEU A 260 12.20 11.35 -7.82
CA LEU A 260 13.31 10.43 -8.01
C LEU A 260 14.06 10.76 -9.30
N PRO A 261 15.39 10.64 -9.28
CA PRO A 261 16.10 10.76 -10.56
C PRO A 261 15.79 9.57 -11.48
N LYS A 262 16.18 9.71 -12.75
CA LYS A 262 15.88 8.71 -13.77
C LYS A 262 16.28 7.31 -13.37
N SER A 263 17.50 7.15 -12.85
CA SER A 263 18.00 5.81 -12.56
C SER A 263 17.13 5.18 -11.49
N ALA A 264 16.74 5.99 -10.51
CA ALA A 264 15.94 5.50 -9.39
C ALA A 264 14.54 5.10 -9.84
N LEU A 265 13.88 5.95 -10.62
CA LEU A 265 12.57 5.58 -11.14
C LEU A 265 12.65 4.35 -12.05
N ASN A 266 13.76 4.23 -12.78
CA ASN A 266 13.96 3.04 -13.60
C ASN A 266 14.02 1.76 -12.76
N GLU A 267 14.73 1.82 -11.64
CA GLU A 267 14.79 0.69 -10.71
C GLU A 267 13.39 0.39 -10.16
N MET A 268 12.66 1.44 -9.81
CA MET A 268 11.34 1.27 -9.24
C MET A 268 10.40 0.56 -10.19
N THR A 269 10.53 0.87 -11.48
CA THR A 269 9.67 0.32 -12.52
C THR A 269 10.26 -0.92 -13.20
N THR A 270 11.32 -1.49 -12.62
CA THR A 270 11.83 -2.79 -13.06
C THR A 270 11.04 -3.86 -12.32
N THR A 271 10.18 -4.54 -13.05
CA THR A 271 9.19 -5.41 -12.42
C THR A 271 9.50 -6.90 -12.52
N VAL A 272 8.95 -7.63 -11.55
CA VAL A 272 8.97 -9.09 -11.51
C VAL A 272 7.58 -9.55 -11.94
N GLN A 273 7.53 -10.59 -12.77
CA GLN A 273 6.23 -11.18 -13.12
C GLN A 273 5.76 -11.97 -11.92
N ILE A 274 4.56 -11.70 -11.44
CA ILE A 274 4.11 -12.29 -10.19
C ILE A 274 3.18 -13.47 -10.39
N SER A 275 2.68 -13.65 -11.61
CA SER A 275 1.80 -14.77 -11.92
C SER A 275 1.91 -15.22 -13.36
N PRO A 276 2.12 -16.53 -13.59
CA PRO A 276 2.22 -17.04 -14.96
C PRO A 276 0.94 -16.80 -15.77
N GLU A 277 -0.19 -16.73 -15.08
CA GLU A 277 -1.49 -16.59 -15.74
C GLU A 277 -1.83 -15.13 -16.09
N TYR A 278 -1.04 -14.21 -15.57
CA TYR A 278 -1.25 -12.78 -15.79
C TYR A 278 0.07 -12.12 -16.16
N PRO A 279 0.55 -12.38 -17.37
CA PRO A 279 1.92 -12.02 -17.77
C PRO A 279 2.19 -10.52 -17.83
N ASN A 280 1.13 -9.72 -17.87
CA ASN A 280 1.31 -8.26 -17.94
C ASN A 280 1.23 -7.58 -16.58
N VAL A 281 1.02 -8.35 -15.53
CA VAL A 281 1.02 -7.80 -14.18
C VAL A 281 2.43 -7.96 -13.64
N GLY A 282 3.03 -6.86 -13.18
CA GLY A 282 4.37 -6.90 -12.66
C GLY A 282 4.45 -6.15 -11.35
N TYR A 283 5.38 -6.56 -10.49
CA TYR A 283 5.62 -5.85 -9.24
C TYR A 283 7.05 -5.36 -9.21
N GLY A 284 7.22 -4.04 -9.05
CA GLY A 284 8.53 -3.42 -8.99
C GLY A 284 8.90 -3.12 -7.55
N LEU A 285 9.39 -1.91 -7.27
CA LEU A 285 9.79 -1.58 -5.91
C LEU A 285 8.65 -0.85 -5.23
N GLY A 286 7.81 -1.60 -4.53
CA GLY A 286 6.64 -1.00 -3.87
C GLY A 286 5.66 -0.37 -4.86
N LEU A 287 5.59 -0.91 -6.06
CA LEU A 287 4.80 -0.34 -7.16
C LEU A 287 4.45 -1.44 -8.11
N MET A 288 3.22 -1.45 -8.62
CA MET A 288 2.75 -2.51 -9.52
C MET A 288 2.39 -1.93 -10.87
N LYS A 289 2.54 -2.74 -11.92
CA LYS A 289 2.04 -2.39 -13.24
C LYS A 289 1.01 -3.41 -13.69
N ASP A 290 0.08 -2.97 -14.54
CA ASP A 290 -0.92 -3.87 -15.11
C ASP A 290 -1.25 -3.30 -16.46
N LYS A 291 -1.52 -4.17 -17.42
CA LYS A 291 -2.06 -3.71 -18.69
C LYS A 291 -3.54 -4.07 -18.76
N LEU A 292 -4.36 -3.05 -18.95
CA LEU A 292 -5.81 -3.21 -18.89
C LEU A 292 -6.37 -3.71 -20.23
N SER A 293 -7.67 -3.97 -20.27
CA SER A 293 -8.27 -4.67 -21.39
C SER A 293 -8.03 -3.92 -22.69
N CYS A 294 -8.08 -2.59 -22.60
CA CYS A 294 -7.94 -1.72 -23.77
C CYS A 294 -6.49 -1.39 -24.08
N GLY A 295 -5.55 -2.01 -23.38
CA GLY A 295 -4.13 -1.87 -23.66
C GLY A 295 -3.43 -0.75 -22.90
N VAL A 296 -4.19 0.04 -22.18
CA VAL A 296 -3.58 1.06 -21.34
C VAL A 296 -2.87 0.42 -20.16
N GLU A 297 -1.63 0.84 -19.95
CA GLU A 297 -0.80 0.36 -18.88
C GLU A 297 -0.88 1.33 -17.71
N VAL A 298 -1.20 0.80 -16.53
CA VAL A 298 -1.27 1.62 -15.33
C VAL A 298 -0.30 1.14 -14.28
N TRP A 299 0.14 2.10 -13.46
CA TRP A 299 1.11 1.93 -12.41
C TRP A 299 0.50 2.42 -11.10
N GLY A 300 0.69 1.67 -10.02
CA GLY A 300 0.09 2.09 -8.77
C GLY A 300 0.16 0.99 -7.73
N HIS A 301 -0.84 0.91 -6.87
CA HIS A 301 -0.84 -0.10 -5.83
C HIS A 301 -2.25 -0.16 -5.26
N GLY A 302 -2.62 -1.35 -4.80
CA GLY A 302 -3.88 -1.47 -4.07
C GLY A 302 -3.61 -1.37 -2.59
N GLY A 303 -4.64 -1.10 -1.82
CA GLY A 303 -4.54 -1.08 -0.38
C GLY A 303 -5.65 -1.87 0.26
N GLY A 304 -5.27 -2.64 1.28
CA GLY A 304 -6.24 -3.33 2.11
C GLY A 304 -5.82 -3.23 3.57
N ILE A 305 -6.78 -2.81 4.40
CA ILE A 305 -6.65 -2.83 5.84
C ILE A 305 -8.11 -2.83 6.33
N HIS A 306 -8.34 -3.01 7.62
CA HIS A 306 -9.70 -3.20 8.13
C HIS A 306 -10.69 -2.15 7.63
N GLY A 307 -11.74 -2.60 6.97
CA GLY A 307 -12.80 -1.73 6.50
C GLY A 307 -12.41 -0.77 5.40
N SER A 308 -11.33 -1.07 4.69
CA SER A 308 -10.80 -0.11 3.74
C SER A 308 -10.09 -0.77 2.58
N SER A 309 -10.72 -0.74 1.42
CA SER A 309 -10.13 -1.26 0.17
C SER A 309 -9.86 -0.06 -0.71
N SER A 310 -8.58 0.22 -0.96
CA SER A 310 -8.16 1.43 -1.65
C SER A 310 -7.52 1.09 -2.97
N LEU A 311 -7.62 2.03 -3.90
CA LEU A 311 -6.99 1.89 -5.20
C LEU A 311 -6.34 3.23 -5.58
N ALA A 312 -5.26 3.12 -6.35
CA ALA A 312 -4.52 4.30 -6.83
C ALA A 312 -3.73 3.87 -8.04
N GLN A 313 -3.97 4.55 -9.16
CA GLN A 313 -3.35 4.15 -10.43
C GLN A 313 -3.07 5.37 -11.29
N VAL A 314 -2.00 5.30 -12.06
CA VAL A 314 -1.68 6.34 -13.01
C VAL A 314 -1.08 5.73 -14.28
N THR A 315 -1.24 6.42 -15.41
CA THR A 315 -0.51 6.01 -16.60
C THR A 315 0.99 6.29 -16.41
N ARG A 316 1.83 5.70 -17.25
CA ARG A 316 3.26 5.74 -17.02
C ARG A 316 3.87 7.14 -17.02
N ASP A 317 3.30 8.04 -17.81
CA ASP A 317 3.81 9.40 -17.84
C ASP A 317 3.16 10.26 -16.77
N GLY A 318 2.33 9.67 -15.91
CA GLY A 318 1.69 10.41 -14.85
C GLY A 318 0.57 11.35 -15.27
N GLY A 319 0.07 11.19 -16.49
CA GLY A 319 -0.89 12.14 -17.02
C GLY A 319 -2.33 11.88 -16.69
N HIS A 320 -2.66 10.62 -16.43
CA HIS A 320 -4.03 10.20 -16.16
C HIS A 320 -4.00 9.41 -14.86
N SER A 321 -4.69 9.93 -13.84
CA SER A 321 -4.70 9.32 -12.51
C SER A 321 -6.10 9.00 -12.00
N LEU A 322 -6.12 8.11 -11.01
CA LEU A 322 -7.34 7.66 -10.35
C LEU A 322 -6.98 7.23 -8.93
N ALA A 323 -7.83 7.54 -7.97
CA ALA A 323 -7.68 6.97 -6.62
C ALA A 323 -9.05 6.86 -6.01
N GLY A 324 -9.22 5.91 -5.11
CA GLY A 324 -10.53 5.77 -4.47
C GLY A 324 -10.54 4.74 -3.36
N ASN A 325 -11.72 4.54 -2.80
CA ASN A 325 -11.88 3.72 -1.60
C ASN A 325 -13.27 3.15 -1.48
N PHE A 326 -13.32 1.90 -1.02
CA PHE A 326 -14.54 1.27 -0.54
C PHE A 326 -14.42 1.09 0.96
N ASN A 327 -15.49 1.38 1.71
CA ASN A 327 -15.48 1.25 3.17
C ASN A 327 -16.09 -0.07 3.66
N ALA A 328 -16.04 -1.08 2.81
CA ALA A 328 -16.28 -2.46 3.24
C ALA A 328 -15.11 -3.25 2.70
N ASP A 329 -14.63 -4.20 3.48
CA ASP A 329 -13.49 -4.99 3.02
C ASP A 329 -13.90 -6.37 2.49
N TRP A 330 -15.21 -6.60 2.35
CA TRP A 330 -15.74 -7.88 1.90
C TRP A 330 -16.48 -7.80 0.58
N ALA A 331 -16.58 -6.60 0.03
CA ALA A 331 -17.38 -6.37 -1.15
C ALA A 331 -16.79 -5.26 -2.00
N GLY A 332 -17.22 -5.21 -3.26
CA GLY A 332 -16.77 -4.22 -4.21
C GLY A 332 -15.58 -4.71 -5.00
N ASP A 333 -15.65 -4.51 -6.30
CA ASP A 333 -14.60 -4.90 -7.23
C ASP A 333 -13.82 -3.65 -7.67
N SER A 334 -12.64 -3.48 -7.12
CA SER A 334 -11.83 -2.30 -7.41
C SER A 334 -11.34 -2.32 -8.85
N GLN A 335 -11.11 -3.51 -9.41
CA GLN A 335 -10.66 -3.59 -10.79
C GLN A 335 -11.70 -3.03 -11.75
N LYS A 336 -12.98 -3.22 -11.46
CA LYS A 336 -14.03 -2.64 -12.30
C LYS A 336 -13.92 -1.12 -12.35
N VAL A 337 -13.54 -0.47 -11.25
CA VAL A 337 -13.41 0.97 -11.23
C VAL A 337 -12.22 1.41 -12.11
N ILE A 338 -11.13 0.66 -12.01
CA ILE A 338 -9.92 0.93 -12.80
C ILE A 338 -10.21 0.76 -14.28
N GLU A 339 -10.86 -0.33 -14.65
CA GLU A 339 -11.21 -0.57 -16.05
C GLU A 339 -12.18 0.50 -16.56
N ALA A 340 -13.15 0.92 -15.74
CA ALA A 340 -14.09 1.93 -16.17
C ALA A 340 -13.37 3.24 -16.48
N GLU A 341 -12.48 3.63 -15.58
CA GLU A 341 -11.80 4.90 -15.73
C GLU A 341 -10.82 4.89 -16.90
N PHE A 342 -9.98 3.89 -17.00
CA PHE A 342 -8.90 3.91 -18.00
C PHE A 342 -9.31 3.36 -19.36
N CYS A 343 -10.36 2.53 -19.39
CA CYS A 343 -10.82 1.91 -20.65
C CYS A 343 -12.27 2.20 -21.00
N GLY A 344 -13.00 2.87 -20.11
CA GLY A 344 -14.40 3.17 -20.34
C GLY A 344 -15.29 1.94 -20.26
N THR A 345 -14.78 0.88 -19.64
CA THR A 345 -15.49 -0.39 -19.55
C THR A 345 -16.73 -0.27 -18.66
N ALA A 346 -17.88 -0.59 -19.22
CA ALA A 346 -19.12 -0.62 -18.46
C ALA A 346 -19.07 -1.77 -17.45
#